data_3R9F
#
_entry.id   3R9F
#
_cell.length_a   78.979
_cell.length_b   94.804
_cell.length_c   53.339
_cell.angle_alpha   90.000
_cell.angle_beta   90.000
_cell.angle_gamma   90.000
#
_symmetry.space_group_name_H-M   'P 21 21 2'
#
loop_
_entity.id
_entity.type
_entity.pdbx_description
1 polymer 'MccE protein'
2 non-polymer 'COENZYME A'
3 non-polymer "O5'-(L-GLUTAMYL-SULFAMOYL)-ADENOSINE"
4 water water
#
_entity_poly.entity_id   1
_entity_poly.type   'polypeptide(L)'
_entity_poly.pdbx_seq_one_letter_code
;GSHMRKYDVSLTPSGIKVNDEITLLYPALKYAEELYLLINQNKINFIKSMAWPAFVNNISDSVSFIEQSMIDNQNEKALI
LFIKYKTKIAGVVSFNIIDHANKTAYIGYWLGANFQGKGIVTNAINKLIQEYGDSGVIKRFVIKCIVDNKKSNATALRCG
FTLEGVLQKAEILNGVSYDQNIYSKVIG
;
_entity_poly.pdbx_strand_id   A,B
#
# COMPACT_ATOMS: atom_id res chain seq x y z
N ASP A 8 20.19 -3.21 0.29
CA ASP A 8 18.80 -2.81 -0.08
C ASP A 8 18.84 -2.13 -1.45
N VAL A 9 18.47 -2.87 -2.49
CA VAL A 9 18.54 -2.36 -3.87
C VAL A 9 17.53 -1.25 -4.17
N SER A 10 16.55 -1.03 -3.29
CA SER A 10 15.59 0.06 -3.46
C SER A 10 16.18 1.43 -3.10
N LEU A 11 17.33 1.41 -2.42
CA LEU A 11 18.04 2.64 -2.08
C LEU A 11 19.09 2.88 -3.15
N THR A 12 18.73 3.69 -4.14
CA THR A 12 19.57 3.96 -5.31
C THR A 12 20.23 5.34 -5.16
N PRO A 13 21.30 5.62 -5.95
CA PRO A 13 21.92 6.94 -5.89
C PRO A 13 20.96 8.10 -6.17
N SER A 14 19.96 7.88 -7.02
CA SER A 14 19.03 8.94 -7.43
C SER A 14 17.79 9.08 -6.54
N GLY A 15 17.51 8.07 -5.73
CA GLY A 15 16.34 8.11 -4.88
C GLY A 15 15.90 6.77 -4.36
N ILE A 16 14.71 6.75 -3.77
CA ILE A 16 14.20 5.57 -3.09
C ILE A 16 13.11 4.98 -3.95
N LYS A 17 13.31 3.75 -4.40
CA LYS A 17 12.33 3.08 -5.25
C LYS A 17 11.21 2.49 -4.41
N VAL A 18 10.02 3.06 -4.56
CA VAL A 18 8.85 2.62 -3.79
C VAL A 18 8.26 1.35 -4.41
N ASN A 19 8.04 1.40 -5.71
CA ASN A 19 7.51 0.26 -6.47
C ASN A 19 7.89 0.46 -7.93
N ASP A 20 7.34 -0.35 -8.84
CA ASP A 20 7.70 -0.27 -10.25
C ASP A 20 7.35 1.06 -10.93
N GLU A 21 6.44 1.83 -10.33
CA GLU A 21 5.95 3.09 -10.90
C GLU A 21 6.43 4.35 -10.16
N ILE A 22 6.83 4.21 -8.90
CA ILE A 22 7.12 5.36 -8.04
C ILE A 22 8.54 5.34 -7.52
N THR A 23 9.25 6.44 -7.75
CA THR A 23 10.56 6.66 -7.14
C THR A 23 10.53 8.01 -6.43
N LEU A 24 11.10 8.06 -5.24
CA LEU A 24 11.20 9.31 -4.47
C LEU A 24 12.59 9.87 -4.73
N LEU A 25 12.66 10.90 -5.54
CA LEU A 25 13.93 11.42 -6.04
C LEU A 25 14.58 12.40 -5.08
N TYR A 26 15.89 12.26 -4.90
CA TYR A 26 16.66 13.30 -4.23
C TYR A 26 16.62 14.56 -5.10
N PRO A 27 16.40 15.72 -4.50
CA PRO A 27 16.29 16.95 -5.30
C PRO A 27 17.54 17.25 -6.13
N ALA A 28 17.31 17.88 -7.28
CA ALA A 28 18.35 18.28 -8.22
C ALA A 28 17.80 19.45 -9.03
N LEU A 29 18.70 20.32 -9.46
CA LEU A 29 18.31 21.53 -10.20
C LEU A 29 17.60 21.25 -11.52
N LYS A 30 17.93 20.13 -12.15
CA LYS A 30 17.32 19.71 -13.42
C LYS A 30 15.80 19.58 -13.31
N TYR A 31 15.31 19.36 -12.09
CA TYR A 31 13.88 19.17 -11.83
C TYR A 31 13.12 20.50 -11.71
N ALA A 32 13.84 21.61 -11.63
CA ALA A 32 13.23 22.93 -11.35
C ALA A 32 12.10 23.29 -12.31
N GLU A 33 12.36 23.12 -13.61
CA GLU A 33 11.37 23.47 -14.62
C GLU A 33 10.08 22.68 -14.48
N GLU A 34 10.22 21.35 -14.41
CA GLU A 34 9.05 20.49 -14.29
C GLU A 34 8.28 20.73 -12.99
N LEU A 35 9.02 20.93 -11.89
CA LEU A 35 8.41 21.18 -10.60
C LEU A 35 7.63 22.48 -10.63
N TYR A 36 8.25 23.53 -11.17
CA TYR A 36 7.58 24.82 -11.27
C TYR A 36 6.29 24.73 -12.08
N LEU A 37 6.35 24.09 -13.24
CA LEU A 37 5.18 23.96 -14.11
C LEU A 37 4.05 23.21 -13.42
N LEU A 38 4.40 22.18 -12.65
CA LEU A 38 3.41 21.40 -11.90
C LEU A 38 2.73 22.26 -10.83
N ILE A 39 3.53 23.01 -10.08
CA ILE A 39 2.98 23.91 -9.06
C ILE A 39 2.08 24.95 -9.70
N ASN A 40 2.55 25.53 -10.80
CA ASN A 40 1.78 26.54 -11.52
C ASN A 40 0.42 26.03 -11.97
N GLN A 41 0.38 24.81 -12.51
CA GLN A 41 -0.86 24.18 -12.95
C GLN A 41 -1.86 24.01 -11.81
N ASN A 42 -1.33 23.82 -10.59
CA ASN A 42 -2.16 23.50 -9.43
C ASN A 42 -2.32 24.63 -8.43
N LYS A 43 -1.83 25.81 -8.78
CA LYS A 43 -1.76 26.92 -7.83
C LYS A 43 -3.09 27.25 -7.16
N ILE A 44 -4.15 27.38 -7.95
CA ILE A 44 -5.46 27.77 -7.40
C ILE A 44 -5.98 26.76 -6.36
N ASN A 45 -5.92 25.48 -6.68
CA ASN A 45 -6.34 24.47 -5.72
C ASN A 45 -5.40 24.36 -4.51
N PHE A 46 -4.09 24.47 -4.76
CA PHE A 46 -3.09 24.32 -3.69
C PHE A 46 -3.18 25.41 -2.63
N ILE A 47 -3.49 26.63 -3.08
CA ILE A 47 -3.61 27.78 -2.19
C ILE A 47 -4.67 27.51 -1.11
N LYS A 48 -5.64 26.65 -1.42
CA LYS A 48 -6.68 26.27 -0.46
C LYS A 48 -6.16 25.50 0.77
N SER A 49 -5.02 24.81 0.64
CA SER A 49 -4.53 23.95 1.73
C SER A 49 -3.10 24.22 2.21
N MET A 50 -2.36 25.08 1.51
CA MET A 50 -0.97 25.36 1.83
C MET A 50 -0.71 26.85 1.62
N ALA A 51 0.22 27.41 2.38
CA ALA A 51 0.47 28.86 2.32
C ALA A 51 1.42 29.24 1.17
N TRP A 52 2.48 28.46 1.01
CA TRP A 52 3.57 28.79 0.07
C TRP A 52 3.21 28.88 -1.42
N PRO A 53 2.19 28.12 -1.92
CA PRO A 53 1.97 28.22 -3.37
C PRO A 53 1.59 29.60 -3.89
N ALA A 54 0.99 30.43 -3.03
CA ALA A 54 0.56 31.77 -3.43
C ALA A 54 1.72 32.63 -3.91
N PHE A 55 2.94 32.24 -3.52
CA PHE A 55 4.12 33.05 -3.78
C PHE A 55 5.09 32.42 -4.78
N VAL A 56 4.68 31.31 -5.40
CA VAL A 56 5.49 30.67 -6.44
C VAL A 56 5.11 31.27 -7.79
N ASN A 57 5.92 32.21 -8.27
CA ASN A 57 5.58 33.02 -9.43
C ASN A 57 6.46 32.85 -10.65
N ASN A 58 7.62 32.23 -10.46
CA ASN A 58 8.52 31.92 -11.57
C ASN A 58 9.40 30.72 -11.24
N ILE A 59 10.01 30.17 -12.27
CA ILE A 59 10.92 29.03 -12.11
C ILE A 59 12.02 29.31 -11.07
N SER A 60 12.47 30.56 -10.97
CA SER A 60 13.50 30.93 -9.99
C SER A 60 13.07 30.62 -8.55
N ASP A 61 11.77 30.69 -8.27
CA ASP A 61 11.27 30.33 -6.93
C ASP A 61 11.46 28.84 -6.67
N SER A 62 11.23 28.02 -7.68
CA SER A 62 11.45 26.58 -7.55
C SER A 62 12.94 26.24 -7.48
N VAL A 63 13.78 26.98 -8.21
CA VAL A 63 15.22 26.84 -8.08
C VAL A 63 15.65 27.11 -6.63
N SER A 64 15.17 28.20 -6.06
CA SER A 64 15.51 28.53 -4.67
C SER A 64 15.06 27.45 -3.68
N PHE A 65 13.85 26.92 -3.89
CA PHE A 65 13.35 25.83 -3.08
C PHE A 65 14.24 24.59 -3.18
N ILE A 66 14.63 24.23 -4.40
CA ILE A 66 15.54 23.10 -4.60
C ILE A 66 16.88 23.32 -3.91
N GLU A 67 17.46 24.51 -4.06
CA GLU A 67 18.73 24.84 -3.43
C GLU A 67 18.67 24.67 -1.90
N GLN A 68 17.63 25.23 -1.28
CA GLN A 68 17.47 25.12 0.15
C GLN A 68 17.22 23.67 0.59
N SER A 69 16.41 22.95 -0.19
CA SER A 69 16.10 21.56 0.10
C SER A 69 17.36 20.69 0.09
N MET A 70 18.24 20.93 -0.87
CA MET A 70 19.51 20.18 -0.94
C MET A 70 20.41 20.47 0.27
N ILE A 71 20.42 21.71 0.74
CA ILE A 71 21.17 22.06 1.94
C ILE A 71 20.60 21.35 3.16
N ASP A 72 19.26 21.41 3.31
CA ASP A 72 18.62 20.76 4.44
C ASP A 72 18.78 19.24 4.40
N ASN A 73 18.69 18.64 3.22
CA ASN A 73 18.90 17.20 3.08
C ASN A 73 20.32 16.79 3.47
N GLN A 74 21.31 17.54 2.97
CA GLN A 74 22.73 17.31 3.30
C GLN A 74 22.96 17.23 4.79
N ASN A 75 22.30 18.13 5.52
CA ASN A 75 22.51 18.28 6.96
C ASN A 75 21.49 17.53 7.82
N GLU A 76 20.63 16.77 7.17
CA GLU A 76 19.58 15.99 7.84
C GLU A 76 18.63 16.85 8.69
N LYS A 77 18.47 18.11 8.32
CA LYS A 77 17.46 18.97 8.95
C LYS A 77 16.07 18.57 8.48
N ALA A 78 16.01 18.06 7.25
CA ALA A 78 14.79 17.66 6.59
C ALA A 78 15.13 16.54 5.63
N LEU A 79 14.10 15.91 5.07
CA LEU A 79 14.26 15.01 3.95
C LEU A 79 13.21 15.37 2.92
N ILE A 80 13.62 16.12 1.90
CA ILE A 80 12.72 16.58 0.85
C ILE A 80 12.92 15.70 -0.36
N LEU A 81 11.83 15.11 -0.86
CA LEU A 81 11.90 14.19 -1.99
C LEU A 81 10.88 14.56 -3.04
N PHE A 82 11.26 14.40 -4.30
CA PHE A 82 10.35 14.69 -5.41
C PHE A 82 9.76 13.37 -5.91
N ILE A 83 8.43 13.28 -5.89
CA ILE A 83 7.78 12.04 -6.26
C ILE A 83 7.77 11.91 -7.79
N LYS A 84 8.37 10.84 -8.29
CA LYS A 84 8.31 10.52 -9.72
C LYS A 84 7.35 9.36 -9.92
N TYR A 85 6.31 9.60 -10.71
CA TYR A 85 5.33 8.58 -11.02
C TYR A 85 5.41 8.33 -12.53
N LYS A 86 5.80 7.11 -12.91
CA LYS A 86 6.13 6.80 -14.31
C LYS A 86 7.21 7.78 -14.76
N THR A 87 6.94 8.58 -15.80
CA THR A 87 7.95 9.49 -16.34
C THR A 87 7.90 10.91 -15.75
N LYS A 88 6.90 11.18 -14.91
CA LYS A 88 6.61 12.55 -14.48
C LYS A 88 6.83 12.82 -13.00
N ILE A 89 7.27 14.04 -12.68
CA ILE A 89 7.19 14.51 -11.29
C ILE A 89 5.71 14.72 -10.94
N ALA A 90 5.28 14.08 -9.85
CA ALA A 90 3.88 14.08 -9.41
C ALA A 90 3.62 15.00 -8.23
N GLY A 91 4.67 15.34 -7.49
CA GLY A 91 4.55 16.14 -6.28
C GLY A 91 5.75 15.95 -5.39
N VAL A 92 5.55 16.20 -4.10
CA VAL A 92 6.62 16.19 -3.11
C VAL A 92 6.16 15.38 -1.91
N VAL A 93 7.08 14.63 -1.32
CA VAL A 93 6.86 14.05 0.00
C VAL A 93 8.09 14.35 0.83
N SER A 94 7.90 14.61 2.11
CA SER A 94 9.01 15.09 2.92
C SER A 94 8.92 14.69 4.37
N PHE A 95 10.08 14.64 5.01
CA PHE A 95 10.14 14.92 6.42
C PHE A 95 10.47 16.41 6.48
N ASN A 96 9.45 17.23 6.74
CA ASN A 96 9.63 18.69 6.85
C ASN A 96 10.66 19.06 7.91
N ILE A 97 10.61 18.33 9.02
CA ILE A 97 11.49 18.52 10.15
C ILE A 97 11.89 17.14 10.64
N ILE A 98 13.19 16.95 10.88
CA ILE A 98 13.69 15.77 11.59
C ILE A 98 14.22 16.23 12.95
N ASP A 99 13.57 15.78 14.02
CA ASP A 99 14.02 16.01 15.38
C ASP A 99 14.87 14.82 15.79
N HIS A 100 16.18 14.98 15.68
CA HIS A 100 17.12 13.89 15.93
C HIS A 100 17.12 13.44 17.39
N ALA A 101 17.14 14.40 18.30
CA ALA A 101 17.16 14.11 19.74
C ALA A 101 16.00 13.21 20.15
N ASN A 102 14.82 13.45 19.57
CA ASN A 102 13.62 12.71 19.91
C ASN A 102 13.21 11.67 18.87
N LYS A 103 14.11 11.44 17.90
CA LYS A 103 13.88 10.49 16.79
C LYS A 103 12.47 10.61 16.20
N THR A 104 12.11 11.84 15.84
CA THR A 104 10.77 12.15 15.35
C THR A 104 10.86 12.84 14.01
N ALA A 105 10.01 12.41 13.08
CA ALA A 105 9.92 13.04 11.76
C ALA A 105 8.52 13.55 11.52
N TYR A 106 8.42 14.79 11.05
CA TYR A 106 7.16 15.43 10.71
C TYR A 106 7.01 15.38 9.19
N ILE A 107 5.93 14.74 8.73
CA ILE A 107 5.73 14.46 7.32
C ILE A 107 4.89 15.52 6.62
N GLY A 108 5.31 15.88 5.41
CA GLY A 108 4.51 16.73 4.52
C GLY A 108 4.38 16.10 3.16
N TYR A 109 3.38 16.54 2.39
CA TYR A 109 3.18 16.02 1.04
C TYR A 109 2.23 16.88 0.23
N TRP A 110 2.36 16.75 -1.10
CA TRP A 110 1.36 17.21 -2.03
C TRP A 110 1.49 16.48 -3.35
N LEU A 111 0.36 16.40 -4.06
CA LEU A 111 0.31 15.84 -5.41
C LEU A 111 -0.45 16.76 -6.34
N GLY A 112 0.02 16.87 -7.58
CA GLY A 112 -0.79 17.53 -8.62
C GLY A 112 -2.12 16.82 -8.79
N ALA A 113 -3.13 17.58 -9.21
CA ALA A 113 -4.48 17.03 -9.40
C ALA A 113 -4.49 15.78 -10.28
N ASN A 114 -3.68 15.77 -11.35
CA ASN A 114 -3.65 14.63 -12.27
C ASN A 114 -3.01 13.37 -11.68
N PHE A 115 -2.45 13.50 -10.48
CA PHE A 115 -1.77 12.40 -9.80
C PHE A 115 -2.50 11.94 -8.55
N GLN A 116 -3.56 12.64 -8.19
CA GLN A 116 -4.37 12.27 -7.03
C GLN A 116 -5.28 11.07 -7.36
N GLY A 117 -5.65 10.30 -6.35
CA GLY A 117 -6.53 9.15 -6.54
C GLY A 117 -5.82 7.90 -7.04
N LYS A 118 -4.50 7.85 -6.87
CA LYS A 118 -3.69 6.74 -7.38
C LYS A 118 -2.91 6.03 -6.28
N GLY A 119 -3.11 6.41 -5.01
CA GLY A 119 -2.38 5.81 -3.90
C GLY A 119 -0.93 6.20 -3.81
N ILE A 120 -0.51 7.22 -4.54
CA ILE A 120 0.90 7.55 -4.64
C ILE A 120 1.51 7.99 -3.30
N VAL A 121 0.82 8.86 -2.58
CA VAL A 121 1.34 9.33 -1.29
C VAL A 121 1.26 8.25 -0.21
N THR A 122 0.17 7.49 -0.17
CA THR A 122 0.10 6.34 0.73
C THR A 122 1.28 5.40 0.53
N ASN A 123 1.57 5.04 -0.72
CA ASN A 123 2.69 4.16 -1.02
C ASN A 123 4.02 4.77 -0.62
N ALA A 124 4.19 6.06 -0.91
CA ALA A 124 5.41 6.77 -0.53
C ALA A 124 5.65 6.77 0.99
N ILE A 125 4.60 7.12 1.74
CA ILE A 125 4.70 7.18 3.20
C ILE A 125 5.05 5.81 3.77
N ASN A 126 4.34 4.77 3.31
CA ASN A 126 4.62 3.43 3.81
C ASN A 126 6.08 3.06 3.59
N LYS A 127 6.61 3.39 2.41
CA LYS A 127 8.01 3.10 2.10
C LYS A 127 8.97 3.84 3.03
N LEU A 128 8.72 5.13 3.25
CA LEU A 128 9.56 5.91 4.13
C LEU A 128 9.54 5.40 5.56
N ILE A 129 8.37 4.98 6.03
CA ILE A 129 8.25 4.46 7.38
C ILE A 129 8.96 3.11 7.53
N GLN A 130 8.91 2.28 6.49
CA GLN A 130 9.69 1.05 6.47
C GLN A 130 11.18 1.39 6.57
N GLU A 131 11.64 2.27 5.69
CA GLU A 131 13.07 2.54 5.58
C GLU A 131 13.67 3.21 6.81
N TYR A 132 12.96 4.20 7.36
CA TYR A 132 13.45 4.97 8.52
C TYR A 132 12.97 4.44 9.86
N GLY A 133 11.80 3.81 9.86
CA GLY A 133 11.19 3.32 11.10
C GLY A 133 11.66 1.94 11.50
N ASP A 134 11.59 1.00 10.55
CA ASP A 134 12.02 -0.37 10.83
C ASP A 134 13.53 -0.51 11.02
N SER A 135 14.27 0.51 10.59
CA SER A 135 15.71 0.56 10.79
C SER A 135 16.10 1.22 12.12
N GLY A 136 15.12 1.78 12.83
CA GLY A 136 15.35 2.42 14.12
C GLY A 136 15.87 3.85 14.09
N VAL A 137 15.94 4.46 12.91
CA VAL A 137 16.37 5.86 12.81
C VAL A 137 15.32 6.82 13.39
N ILE A 138 14.06 6.54 13.07
CA ILE A 138 12.93 7.34 13.53
C ILE A 138 11.98 6.45 14.32
N LYS A 139 11.62 6.92 15.51
CA LYS A 139 10.70 6.25 16.43
C LYS A 139 9.26 6.69 16.20
N ARG A 140 9.08 7.96 15.86
CA ARG A 140 7.77 8.60 15.84
C ARG A 140 7.61 9.41 14.57
N PHE A 141 6.54 9.13 13.82
CA PHE A 141 6.19 9.87 12.62
C PHE A 141 4.94 10.67 12.88
N VAL A 142 4.90 11.90 12.39
CA VAL A 142 3.80 12.81 12.68
C VAL A 142 3.25 13.43 11.41
N ILE A 143 1.93 13.50 11.29
CA ILE A 143 1.27 14.26 10.24
C ILE A 143 0.38 15.33 10.88
N LYS A 144 0.62 16.59 10.52
CA LYS A 144 -0.19 17.72 10.99
C LYS A 144 -0.76 18.46 9.80
N CYS A 145 -2.07 18.48 9.69
CA CYS A 145 -2.78 19.19 8.63
C CYS A 145 -4.03 19.81 9.20
N ILE A 146 -4.57 20.81 8.51
CA ILE A 146 -5.80 21.47 8.94
C ILE A 146 -6.94 20.45 9.03
N VAL A 147 -7.78 20.60 10.07
CA VAL A 147 -8.82 19.62 10.40
C VAL A 147 -9.71 19.25 9.21
N ASP A 148 -10.09 20.24 8.41
CA ASP A 148 -11.02 19.98 7.31
C ASP A 148 -10.37 19.45 6.03
N ASN A 149 -9.08 19.15 6.08
CA ASN A 149 -8.37 18.54 4.96
C ASN A 149 -8.74 17.06 4.86
N LYS A 150 -9.88 16.81 4.21
CA LYS A 150 -10.48 15.48 4.13
C LYS A 150 -9.54 14.46 3.52
N LYS A 151 -8.93 14.81 2.39
CA LYS A 151 -8.06 13.88 1.69
C LYS A 151 -6.80 13.54 2.49
N SER A 152 -6.21 14.53 3.17
CA SER A 152 -5.05 14.23 4.00
C SER A 152 -5.40 13.33 5.19
N ASN A 153 -6.53 13.60 5.83
CA ASN A 153 -6.99 12.76 6.94
C ASN A 153 -7.15 11.31 6.51
N ALA A 154 -7.73 11.10 5.33
CA ALA A 154 -7.91 9.76 4.78
C ALA A 154 -6.55 9.08 4.54
N THR A 155 -5.59 9.83 4.00
CA THR A 155 -4.24 9.33 3.77
C THR A 155 -3.57 8.90 5.09
N ALA A 156 -3.63 9.78 6.10
CA ALA A 156 -3.05 9.48 7.40
C ALA A 156 -3.62 8.18 7.98
N LEU A 157 -4.95 8.05 7.96
CA LEU A 157 -5.59 6.84 8.48
C LEU A 157 -5.24 5.59 7.65
N ARG A 158 -5.20 5.76 6.32
CA ARG A 158 -4.84 4.69 5.36
C ARG A 158 -3.44 4.14 5.65
N CYS A 159 -2.56 5.02 6.14
CA CYS A 159 -1.18 4.65 6.45
C CYS A 159 -1.01 4.17 7.89
N GLY A 160 -2.12 3.98 8.59
CA GLY A 160 -2.09 3.43 9.95
C GLY A 160 -1.68 4.39 11.04
N PHE A 161 -1.86 5.70 10.80
CA PHE A 161 -1.65 6.71 11.84
C PHE A 161 -2.88 6.78 12.75
N THR A 162 -2.65 7.27 13.97
CA THR A 162 -3.70 7.46 14.97
C THR A 162 -3.85 8.94 15.29
N LEU A 163 -5.09 9.42 15.38
CA LEU A 163 -5.34 10.79 15.79
C LEU A 163 -5.02 10.99 17.27
N GLU A 164 -4.10 11.91 17.57
CA GLU A 164 -3.74 12.22 18.95
C GLU A 164 -4.55 13.38 19.54
N GLY A 165 -5.00 14.29 18.69
CA GLY A 165 -5.75 15.43 19.18
C GLY A 165 -5.87 16.53 18.15
N VAL A 166 -6.46 17.63 18.58
CA VAL A 166 -6.64 18.81 17.75
C VAL A 166 -5.78 19.93 18.31
N LEU A 167 -4.94 20.50 17.46
CA LEU A 167 -4.11 21.63 17.82
C LEU A 167 -4.87 22.88 17.43
N GLN A 168 -5.32 23.62 18.45
CA GLN A 168 -6.19 24.77 18.24
C GLN A 168 -5.45 25.92 17.57
N LYS A 169 -6.04 26.41 16.47
CA LYS A 169 -5.56 27.64 15.82
C LYS A 169 -4.06 27.59 15.55
N ALA A 170 -3.62 26.47 14.97
CA ALA A 170 -2.19 26.18 14.82
C ALA A 170 -1.59 26.44 13.45
N GLU A 171 -2.43 26.63 12.44
CA GLU A 171 -1.92 26.86 11.09
C GLU A 171 -2.60 28.05 10.43
N ILE A 172 -1.80 29.00 9.99
CA ILE A 172 -2.30 30.21 9.37
C ILE A 172 -2.22 30.15 7.86
N LEU A 173 -3.36 30.37 7.22
CA LEU A 173 -3.42 30.60 5.78
C LEU A 173 -4.05 31.97 5.55
N ASN A 174 -3.34 32.85 4.85
CA ASN A 174 -3.86 34.16 4.49
C ASN A 174 -4.43 34.92 5.70
N GLY A 175 -3.66 34.93 6.79
CA GLY A 175 -4.02 35.72 7.96
C GLY A 175 -5.06 35.11 8.89
N VAL A 176 -5.54 33.91 8.56
CA VAL A 176 -6.52 33.25 9.41
C VAL A 176 -5.91 31.98 10.01
N SER A 177 -6.06 31.83 11.34
CA SER A 177 -5.58 30.62 12.03
C SER A 177 -6.63 29.50 12.00
N TYR A 178 -6.19 28.29 11.66
CA TYR A 178 -7.05 27.11 11.58
C TYR A 178 -6.55 26.02 12.52
N ASP A 179 -7.48 25.20 13.02
CA ASP A 179 -7.15 24.04 13.83
C ASP A 179 -6.50 22.96 12.97
N GLN A 180 -5.60 22.18 13.58
CA GLN A 180 -5.00 21.03 12.92
C GLN A 180 -5.36 19.75 13.65
N ASN A 181 -5.49 18.66 12.90
CA ASN A 181 -5.40 17.34 13.50
C ASN A 181 -3.93 16.94 13.58
N ILE A 182 -3.52 16.35 14.70
CA ILE A 182 -2.19 15.74 14.77
C ILE A 182 -2.33 14.23 14.85
N TYR A 183 -1.75 13.56 13.86
CA TYR A 183 -1.73 12.11 13.75
C TYR A 183 -0.31 11.61 13.98
N SER A 184 -0.18 10.43 14.57
CA SER A 184 1.13 9.83 14.73
C SER A 184 1.15 8.35 14.37
N LYS A 185 2.34 7.87 14.04
CA LYS A 185 2.60 6.45 13.92
C LYS A 185 3.92 6.19 14.62
N VAL A 186 3.87 5.32 15.62
CA VAL A 186 5.02 5.05 16.47
C VAL A 186 5.50 3.63 16.24
N ILE A 187 6.81 3.48 16.09
CA ILE A 187 7.42 2.18 15.87
C ILE A 187 7.71 1.52 17.20
N ASP B 8 -17.93 -6.76 16.88
CA ASP B 8 -17.40 -6.67 15.49
C ASP B 8 -18.48 -6.96 14.46
N VAL B 9 -19.10 -5.89 13.94
CA VAL B 9 -20.20 -6.01 12.98
C VAL B 9 -19.76 -6.58 11.62
N SER B 10 -18.47 -6.51 11.32
CA SER B 10 -17.94 -6.99 10.04
C SER B 10 -17.91 -8.52 9.94
N LEU B 11 -18.06 -9.20 11.07
CA LEU B 11 -18.06 -10.65 11.10
C LEU B 11 -19.50 -11.19 11.15
N THR B 12 -19.91 -11.86 10.09
CA THR B 12 -21.24 -12.48 10.02
C THR B 12 -21.11 -13.97 9.71
N PRO B 13 -22.23 -14.74 9.81
CA PRO B 13 -22.17 -16.15 9.42
C PRO B 13 -21.74 -16.38 7.96
N SER B 14 -21.98 -15.38 7.10
CA SER B 14 -21.62 -15.47 5.68
C SER B 14 -20.12 -15.26 5.42
N GLY B 15 -19.49 -14.40 6.22
CA GLY B 15 -18.11 -14.05 5.97
C GLY B 15 -17.64 -12.79 6.66
N ILE B 16 -16.63 -12.16 6.08
CA ILE B 16 -16.00 -10.99 6.66
C ILE B 16 -16.22 -9.82 5.71
N LYS B 17 -16.92 -8.79 6.19
CA LYS B 17 -17.17 -7.60 5.37
C LYS B 17 -15.96 -6.69 5.35
N VAL B 18 -15.50 -6.35 4.14
CA VAL B 18 -14.35 -5.48 3.95
C VAL B 18 -14.82 -4.03 3.79
N ASN B 19 -15.78 -3.83 2.90
CA ASN B 19 -16.45 -2.54 2.72
C ASN B 19 -17.79 -2.80 2.03
N ASP B 20 -18.48 -1.75 1.60
CA ASP B 20 -19.80 -1.91 0.99
C ASP B 20 -19.78 -2.63 -0.36
N GLU B 21 -18.59 -2.79 -0.94
CA GLU B 21 -18.44 -3.47 -2.23
C GLU B 21 -17.90 -4.88 -2.12
N ILE B 22 -17.19 -5.18 -1.03
CA ILE B 22 -16.45 -6.44 -0.88
C ILE B 22 -16.79 -7.16 0.42
N THR B 23 -17.17 -8.43 0.28
CA THR B 23 -17.27 -9.34 1.42
C THR B 23 -16.46 -10.59 1.10
N LEU B 24 -15.75 -11.10 2.10
CA LEU B 24 -14.97 -12.33 1.98
C LEU B 24 -15.81 -13.47 2.53
N LEU B 25 -16.32 -14.31 1.64
CA LEU B 25 -17.26 -15.37 2.00
C LEU B 25 -16.56 -16.64 2.45
N TYR B 26 -17.08 -17.23 3.52
CA TYR B 26 -16.70 -18.60 3.85
C TYR B 26 -17.17 -19.52 2.71
N PRO B 27 -16.30 -20.45 2.29
CA PRO B 27 -16.68 -21.34 1.19
C PRO B 27 -17.98 -22.09 1.45
N ALA B 28 -18.76 -22.27 0.39
CA ALA B 28 -20.00 -23.02 0.42
C ALA B 28 -20.22 -23.60 -0.97
N LEU B 29 -20.90 -24.74 -1.03
CA LEU B 29 -21.12 -25.47 -2.28
C LEU B 29 -21.90 -24.68 -3.33
N LYS B 30 -22.74 -23.76 -2.89
CA LYS B 30 -23.56 -22.97 -3.80
C LYS B 30 -22.76 -21.99 -4.66
N TYR B 31 -21.46 -21.87 -4.38
CA TYR B 31 -20.56 -21.03 -5.17
C TYR B 31 -19.73 -21.81 -6.17
N ALA B 32 -19.91 -23.13 -6.23
CA ALA B 32 -19.10 -24.00 -7.09
C ALA B 32 -19.12 -23.65 -8.56
N GLU B 33 -20.32 -23.47 -9.12
CA GLU B 33 -20.47 -23.16 -10.54
C GLU B 33 -19.85 -21.80 -10.85
N GLU B 34 -20.16 -20.80 -10.05
CA GLU B 34 -19.62 -19.46 -10.28
C GLU B 34 -18.08 -19.46 -10.22
N LEU B 35 -17.53 -20.17 -9.23
CA LEU B 35 -16.08 -20.28 -9.11
C LEU B 35 -15.46 -20.98 -10.31
N TYR B 36 -16.03 -22.13 -10.69
CA TYR B 36 -15.52 -22.87 -11.86
C TYR B 36 -15.51 -22.03 -13.13
N LEU B 37 -16.63 -21.35 -13.40
CA LEU B 37 -16.75 -20.58 -14.62
C LEU B 37 -15.72 -19.46 -14.64
N LEU B 38 -15.50 -18.84 -13.48
CA LEU B 38 -14.51 -17.77 -13.37
C LEU B 38 -13.09 -18.29 -13.65
N ILE B 39 -12.75 -19.43 -13.05
CA ILE B 39 -11.45 -20.05 -13.31
C ILE B 39 -11.29 -20.36 -14.81
N ASN B 40 -12.32 -20.96 -15.40
CA ASN B 40 -12.27 -21.30 -16.82
C ASN B 40 -12.00 -20.11 -17.73
N GLN B 41 -12.68 -18.99 -17.48
CA GLN B 41 -12.48 -17.78 -18.28
C GLN B 41 -11.05 -17.28 -18.23
N ASN B 42 -10.41 -17.51 -17.08
CA ASN B 42 -9.08 -16.97 -16.81
C ASN B 42 -7.97 -17.99 -16.98
N LYS B 43 -8.33 -19.19 -17.44
CA LYS B 43 -7.45 -20.36 -17.39
C LYS B 43 -6.11 -20.15 -18.07
N ILE B 44 -6.12 -19.66 -19.31
CA ILE B 44 -4.88 -19.56 -20.07
C ILE B 44 -3.92 -18.51 -19.47
N ASN B 45 -4.45 -17.38 -19.03
CA ASN B 45 -3.61 -16.41 -18.30
C ASN B 45 -3.14 -16.94 -16.95
N PHE B 46 -4.02 -17.66 -16.25
CA PHE B 46 -3.68 -18.22 -14.92
C PHE B 46 -2.59 -19.29 -14.98
N ILE B 47 -2.53 -20.04 -16.07
CA ILE B 47 -1.49 -21.06 -16.28
C ILE B 47 -0.10 -20.42 -16.24
N LYS B 48 -0.03 -19.13 -16.56
CA LYS B 48 1.22 -18.38 -16.53
C LYS B 48 1.72 -18.05 -15.12
N SER B 49 0.84 -18.14 -14.12
CA SER B 49 1.15 -17.66 -12.77
C SER B 49 0.91 -18.69 -11.65
N MET B 50 0.10 -19.71 -11.92
CA MET B 50 -0.28 -20.68 -10.89
C MET B 50 -0.35 -22.07 -11.51
N ALA B 51 -0.07 -23.09 -10.71
CA ALA B 51 -0.01 -24.48 -11.19
C ALA B 51 -1.37 -25.17 -11.24
N TRP B 52 -2.20 -24.90 -10.25
CA TRP B 52 -3.46 -25.62 -10.08
C TRP B 52 -4.56 -25.38 -11.16
N PRO B 53 -4.62 -24.20 -11.82
CA PRO B 53 -5.76 -23.98 -12.75
C PRO B 53 -5.85 -24.98 -13.90
N ALA B 54 -4.72 -25.53 -14.32
CA ALA B 54 -4.69 -26.49 -15.41
C ALA B 54 -5.51 -27.75 -15.14
N PHE B 55 -5.74 -28.02 -13.86
CA PHE B 55 -6.43 -29.23 -13.41
C PHE B 55 -7.91 -29.02 -13.09
N VAL B 56 -8.39 -27.78 -13.24
CA VAL B 56 -9.80 -27.49 -12.97
C VAL B 56 -10.61 -27.68 -14.26
N ASN B 57 -11.08 -28.92 -14.45
CA ASN B 57 -11.69 -29.34 -15.71
C ASN B 57 -13.21 -29.41 -15.67
N ASN B 58 -13.74 -29.81 -14.52
CA ASN B 58 -15.17 -29.96 -14.33
C ASN B 58 -15.63 -29.14 -13.13
N ILE B 59 -16.92 -28.81 -13.08
CA ILE B 59 -17.52 -28.15 -11.91
C ILE B 59 -17.24 -28.95 -10.64
N SER B 60 -17.19 -30.27 -10.76
CA SER B 60 -16.90 -31.16 -9.65
C SER B 60 -15.51 -30.94 -9.05
N ASP B 61 -14.57 -30.42 -9.84
CA ASP B 61 -13.25 -30.05 -9.33
C ASP B 61 -13.33 -28.86 -8.36
N SER B 62 -14.18 -27.88 -8.69
CA SER B 62 -14.43 -26.76 -7.78
C SER B 62 -15.20 -27.22 -6.55
N VAL B 63 -16.10 -28.19 -6.73
CA VAL B 63 -16.81 -28.78 -5.59
C VAL B 63 -15.81 -29.43 -4.62
N SER B 64 -14.85 -30.17 -5.15
CA SER B 64 -13.82 -30.83 -4.34
C SER B 64 -12.98 -29.80 -3.57
N PHE B 65 -12.59 -28.73 -4.26
CA PHE B 65 -11.82 -27.65 -3.64
C PHE B 65 -12.59 -27.01 -2.50
N ILE B 66 -13.88 -26.74 -2.72
CA ILE B 66 -14.73 -26.16 -1.69
C ILE B 66 -14.84 -27.07 -0.48
N GLU B 67 -15.08 -28.36 -0.73
CA GLU B 67 -15.18 -29.36 0.35
C GLU B 67 -13.92 -29.39 1.21
N GLN B 68 -12.76 -29.45 0.56
CA GLN B 68 -11.49 -29.47 1.27
C GLN B 68 -11.23 -28.17 2.04
N SER B 69 -11.59 -27.04 1.42
CA SER B 69 -11.39 -25.72 2.04
C SER B 69 -12.24 -25.55 3.28
N MET B 70 -13.46 -26.09 3.26
CA MET B 70 -14.33 -26.04 4.44
C MET B 70 -13.71 -26.82 5.60
N ILE B 71 -13.11 -27.97 5.28
CA ILE B 71 -12.43 -28.79 6.29
C ILE B 71 -11.20 -28.06 6.83
N ASP B 72 -10.40 -27.51 5.92
CA ASP B 72 -9.19 -26.78 6.31
C ASP B 72 -9.49 -25.55 7.17
N ASN B 73 -10.56 -24.83 6.83
CA ASN B 73 -10.99 -23.68 7.62
C ASN B 73 -11.37 -24.08 9.04
N GLN B 74 -12.11 -25.20 9.15
CA GLN B 74 -12.52 -25.76 10.44
C GLN B 74 -11.32 -26.15 11.31
N ASN B 75 -10.34 -26.81 10.70
CA ASN B 75 -9.15 -27.28 11.41
C ASN B 75 -8.15 -26.17 11.72
N GLU B 76 -8.39 -24.98 11.16
CA GLU B 76 -7.52 -23.80 11.32
C GLU B 76 -6.09 -24.01 10.77
N LYS B 77 -5.95 -24.96 9.86
CA LYS B 77 -4.70 -25.18 9.15
C LYS B 77 -4.50 -24.09 8.09
N ALA B 78 -5.62 -23.55 7.62
CA ALA B 78 -5.64 -22.56 6.56
C ALA B 78 -6.87 -21.70 6.72
N LEU B 79 -6.94 -20.61 5.94
CA LEU B 79 -8.14 -19.81 5.85
C LEU B 79 -8.38 -19.49 4.38
N ILE B 80 -9.44 -20.05 3.82
CA ILE B 80 -9.76 -19.88 2.41
C ILE B 80 -11.07 -19.11 2.33
N LEU B 81 -11.06 -17.99 1.60
CA LEU B 81 -12.22 -17.14 1.47
C LEU B 81 -12.49 -16.79 0.02
N PHE B 82 -13.76 -16.71 -0.33
CA PHE B 82 -14.16 -16.35 -1.69
C PHE B 82 -14.54 -14.88 -1.73
N ILE B 83 -13.86 -14.13 -2.58
CA ILE B 83 -14.09 -12.71 -2.67
C ILE B 83 -15.38 -12.45 -3.44
N LYS B 84 -16.32 -11.75 -2.81
CA LYS B 84 -17.53 -11.32 -3.49
C LYS B 84 -17.52 -9.81 -3.64
N TYR B 85 -17.52 -9.36 -4.89
CA TYR B 85 -17.44 -7.95 -5.23
C TYR B 85 -18.67 -7.54 -5.99
N LYS B 86 -19.44 -6.60 -5.43
CA LYS B 86 -20.63 -6.06 -6.10
C LYS B 86 -21.51 -7.16 -6.67
N THR B 87 -21.77 -8.15 -5.82
CA THR B 87 -22.65 -9.33 -6.06
C THR B 87 -22.02 -10.52 -6.77
N LYS B 88 -20.80 -10.37 -7.28
CA LYS B 88 -20.16 -11.42 -8.09
C LYS B 88 -18.96 -12.03 -7.39
N ILE B 89 -18.79 -13.35 -7.54
CA ILE B 89 -17.56 -13.99 -7.11
C ILE B 89 -16.42 -13.47 -7.99
N ALA B 90 -15.39 -12.93 -7.33
CA ALA B 90 -14.30 -12.22 -8.00
C ALA B 90 -12.98 -12.97 -7.96
N GLY B 91 -12.83 -13.91 -7.03
CA GLY B 91 -11.56 -14.59 -6.81
C GLY B 91 -11.48 -15.16 -5.42
N VAL B 92 -10.25 -15.42 -4.98
CA VAL B 92 -9.99 -16.09 -3.71
C VAL B 92 -8.87 -15.34 -3.00
N VAL B 93 -9.00 -15.21 -1.69
CA VAL B 93 -7.90 -14.74 -0.85
C VAL B 93 -7.78 -15.74 0.31
N SER B 94 -6.55 -16.04 0.69
CA SER B 94 -6.32 -17.11 1.66
C SER B 94 -5.13 -16.86 2.55
N PHE B 95 -5.19 -17.47 3.74
CA PHE B 95 -3.97 -17.87 4.41
C PHE B 95 -3.79 -19.34 3.98
N ASN B 96 -2.87 -19.57 3.04
CA ASN B 96 -2.57 -20.93 2.55
C ASN B 96 -2.12 -21.85 3.68
N ILE B 97 -1.31 -21.27 4.57
CA ILE B 97 -0.78 -21.95 5.74
C ILE B 97 -0.94 -21.00 6.92
N ILE B 98 -1.47 -21.50 8.03
CA ILE B 98 -1.43 -20.80 9.31
C ILE B 98 -0.53 -21.60 10.24
N ASP B 99 0.59 -20.99 10.62
CA ASP B 99 1.54 -21.57 11.56
C ASP B 99 1.26 -20.95 12.92
N HIS B 100 0.46 -21.61 13.73
CA HIS B 100 0.03 -21.05 15.02
C HIS B 100 1.19 -20.86 15.99
N ALA B 101 2.09 -21.85 16.04
CA ALA B 101 3.22 -21.80 16.97
C ALA B 101 4.09 -20.58 16.74
N ASN B 102 4.28 -20.21 15.47
CA ASN B 102 5.10 -19.06 15.12
C ASN B 102 4.28 -17.83 14.77
N LYS B 103 2.97 -17.90 15.03
CA LYS B 103 2.04 -16.80 14.74
C LYS B 103 2.28 -16.19 13.34
N THR B 104 2.36 -17.07 12.34
CA THR B 104 2.70 -16.67 10.98
C THR B 104 1.63 -17.17 10.01
N ALA B 105 1.21 -16.32 9.08
CA ALA B 105 0.27 -16.69 8.02
C ALA B 105 0.89 -16.40 6.67
N TYR B 106 0.78 -17.37 5.76
CA TYR B 106 1.25 -17.23 4.38
C TYR B 106 0.04 -16.97 3.50
N ILE B 107 0.06 -15.85 2.78
CA ILE B 107 -1.08 -15.36 2.03
C ILE B 107 -1.05 -15.76 0.56
N GLY B 108 -2.19 -16.20 0.06
CA GLY B 108 -2.39 -16.43 -1.37
C GLY B 108 -3.56 -15.61 -1.89
N TYR B 109 -3.59 -15.37 -3.20
CA TYR B 109 -4.67 -14.60 -3.80
C TYR B 109 -4.74 -14.78 -5.30
N TRP B 110 -5.95 -14.65 -5.83
CA TRP B 110 -6.15 -14.43 -7.26
C TRP B 110 -7.46 -13.71 -7.51
N LEU B 111 -7.50 -12.98 -8.61
CA LEU B 111 -8.72 -12.31 -9.09
C LEU B 111 -8.94 -12.63 -10.54
N GLY B 112 -10.19 -12.87 -10.91
CA GLY B 112 -10.52 -12.91 -12.34
C GLY B 112 -10.18 -11.59 -12.98
N ALA B 113 -9.79 -11.62 -14.26
CA ALA B 113 -9.37 -10.40 -14.96
C ALA B 113 -10.41 -9.28 -14.91
N ASN B 114 -11.70 -9.64 -14.95
CA ASN B 114 -12.77 -8.63 -14.89
C ASN B 114 -12.82 -7.87 -13.58
N PHE B 115 -12.11 -8.37 -12.57
CA PHE B 115 -12.13 -7.79 -11.23
C PHE B 115 -10.80 -7.16 -10.84
N GLN B 116 -9.83 -7.20 -11.75
CA GLN B 116 -8.53 -6.59 -11.50
C GLN B 116 -8.58 -5.08 -11.73
N GLY B 117 -7.66 -4.37 -11.09
CA GLY B 117 -7.55 -2.93 -11.27
C GLY B 117 -8.42 -2.11 -10.34
N LYS B 118 -8.98 -2.74 -9.32
CA LYS B 118 -9.97 -2.10 -8.44
C LYS B 118 -9.58 -2.10 -6.96
N GLY B 119 -8.36 -2.55 -6.65
CA GLY B 119 -7.89 -2.59 -5.26
C GLY B 119 -8.54 -3.65 -4.39
N ILE B 120 -9.20 -4.63 -5.01
CA ILE B 120 -9.98 -5.61 -4.26
C ILE B 120 -9.13 -6.48 -3.35
N VAL B 121 -8.03 -7.01 -3.86
CA VAL B 121 -7.17 -7.86 -3.04
C VAL B 121 -6.42 -7.04 -1.98
N THR B 122 -5.93 -5.86 -2.36
CA THR B 122 -5.30 -4.96 -1.38
C THR B 122 -6.24 -4.67 -0.21
N ASN B 123 -7.48 -4.31 -0.52
CA ASN B 123 -8.45 -4.05 0.53
C ASN B 123 -8.78 -5.29 1.36
N ALA B 124 -8.89 -6.44 0.70
CA ALA B 124 -9.13 -7.69 1.40
C ALA B 124 -8.00 -8.04 2.37
N ILE B 125 -6.76 -7.96 1.88
CA ILE B 125 -5.60 -8.26 2.71
C ILE B 125 -5.50 -7.29 3.90
N ASN B 126 -5.74 -6.00 3.66
CA ASN B 126 -5.70 -5.02 4.74
C ASN B 126 -6.70 -5.40 5.85
N LYS B 127 -7.88 -5.85 5.45
CA LYS B 127 -8.91 -6.28 6.40
C LYS B 127 -8.51 -7.52 7.19
N LEU B 128 -7.96 -8.52 6.49
CA LEU B 128 -7.50 -9.74 7.15
C LEU B 128 -6.36 -9.48 8.13
N ILE B 129 -5.46 -8.58 7.78
CA ILE B 129 -4.35 -8.24 8.66
C ILE B 129 -4.87 -7.50 9.90
N GLN B 130 -5.83 -6.61 9.71
CA GLN B 130 -6.50 -5.96 10.85
C GLN B 130 -7.14 -7.01 11.77
N GLU B 131 -7.93 -7.91 11.19
CA GLU B 131 -8.66 -8.91 11.99
C GLU B 131 -7.74 -9.85 12.76
N TYR B 132 -6.78 -10.44 12.05
CA TYR B 132 -5.90 -11.45 12.65
C TYR B 132 -4.73 -10.84 13.43
N GLY B 133 -4.32 -9.64 13.04
CA GLY B 133 -3.33 -8.87 13.81
C GLY B 133 -3.90 -8.35 15.12
N ASP B 134 -5.09 -7.76 15.08
CA ASP B 134 -5.76 -7.21 16.28
C ASP B 134 -6.02 -8.27 17.34
N SER B 135 -6.34 -9.48 16.90
CA SER B 135 -6.71 -10.56 17.80
C SER B 135 -5.51 -11.23 18.46
N GLY B 136 -4.31 -10.89 18.00
CA GLY B 136 -3.08 -11.47 18.55
C GLY B 136 -2.73 -12.84 17.99
N VAL B 137 -3.53 -13.29 17.02
CA VAL B 137 -3.36 -14.63 16.44
C VAL B 137 -2.14 -14.70 15.51
N ILE B 138 -1.96 -13.66 14.71
CA ILE B 138 -0.86 -13.61 13.74
C ILE B 138 -0.02 -12.36 13.98
N LYS B 139 1.30 -12.56 14.04
CA LYS B 139 2.24 -11.45 14.11
C LYS B 139 2.98 -11.22 12.80
N ARG B 140 3.19 -12.29 12.03
CA ARG B 140 3.96 -12.21 10.80
C ARG B 140 3.10 -12.69 9.63
N PHE B 141 2.87 -11.81 8.66
CA PHE B 141 2.18 -12.15 7.42
C PHE B 141 3.21 -12.22 6.31
N VAL B 142 3.07 -13.22 5.45
CA VAL B 142 4.05 -13.49 4.40
C VAL B 142 3.38 -13.60 3.04
N ILE B 143 4.00 -13.00 2.03
CA ILE B 143 3.62 -13.22 0.64
C ILE B 143 4.87 -13.65 -0.12
N LYS B 144 4.78 -14.79 -0.82
CA LYS B 144 5.84 -15.26 -1.69
C LYS B 144 5.30 -15.33 -3.10
N CYS B 145 5.95 -14.63 -4.03
CA CYS B 145 5.54 -14.65 -5.43
C CYS B 145 6.74 -14.64 -6.36
N ILE B 146 6.61 -15.31 -7.49
CA ILE B 146 7.65 -15.33 -8.52
C ILE B 146 8.08 -13.92 -8.90
N VAL B 147 9.39 -13.73 -9.02
CA VAL B 147 9.96 -12.41 -9.29
C VAL B 147 9.38 -11.78 -10.56
N ASP B 148 9.20 -12.58 -11.61
CA ASP B 148 8.65 -12.09 -12.88
C ASP B 148 7.14 -11.77 -12.88
N ASN B 149 6.44 -12.12 -11.81
CA ASN B 149 5.01 -11.85 -11.72
C ASN B 149 4.77 -10.41 -11.24
N LYS B 150 4.68 -9.49 -12.20
CA LYS B 150 4.65 -8.05 -11.92
C LYS B 150 3.47 -7.62 -11.02
N LYS B 151 2.28 -8.06 -11.35
CA LYS B 151 1.09 -7.63 -10.60
C LYS B 151 1.07 -8.21 -9.19
N SER B 152 1.56 -9.44 -9.02
CA SER B 152 1.54 -10.07 -7.70
C SER B 152 2.50 -9.34 -6.76
N ASN B 153 3.65 -8.94 -7.29
CA ASN B 153 4.62 -8.16 -6.52
C ASN B 153 4.08 -6.77 -6.18
N ALA B 154 3.40 -6.14 -7.13
CA ALA B 154 2.81 -4.83 -6.90
C ALA B 154 1.79 -4.86 -5.77
N THR B 155 1.00 -5.93 -5.71
CA THR B 155 0.03 -6.10 -4.64
C THR B 155 0.71 -6.20 -3.26
N ALA B 156 1.74 -7.02 -3.14
CA ALA B 156 2.46 -7.15 -1.88
C ALA B 156 2.95 -5.79 -1.41
N LEU B 157 3.53 -5.02 -2.33
CA LEU B 157 4.06 -3.71 -1.99
C LEU B 157 2.94 -2.73 -1.60
N ARG B 158 1.82 -2.79 -2.32
CA ARG B 158 0.64 -1.96 -2.07
C ARG B 158 0.09 -2.18 -0.67
N CYS B 159 0.17 -3.42 -0.20
CA CYS B 159 -0.29 -3.81 1.12
C CYS B 159 0.69 -3.48 2.23
N GLY B 160 1.80 -2.82 1.89
CA GLY B 160 2.75 -2.36 2.89
C GLY B 160 3.69 -3.43 3.39
N PHE B 161 3.90 -4.47 2.59
CA PHE B 161 4.88 -5.52 2.90
C PHE B 161 6.28 -5.08 2.47
N THR B 162 7.29 -5.58 3.19
CA THR B 162 8.69 -5.30 2.88
C THR B 162 9.34 -6.53 2.27
N LEU B 163 10.09 -6.32 1.19
CA LEU B 163 10.86 -7.40 0.59
C LEU B 163 11.98 -7.86 1.52
N GLU B 164 11.98 -9.14 1.88
CA GLU B 164 13.02 -9.70 2.74
C GLU B 164 14.17 -10.31 1.94
N GLY B 165 13.87 -10.82 0.75
CA GLY B 165 14.92 -11.40 -0.09
C GLY B 165 14.35 -12.20 -1.22
N VAL B 166 15.25 -12.89 -1.92
CA VAL B 166 14.91 -13.68 -3.09
C VAL B 166 15.16 -15.15 -2.77
N LEU B 167 14.11 -15.95 -2.89
CA LEU B 167 14.19 -17.39 -2.71
C LEU B 167 14.51 -18.00 -4.06
N GLN B 168 15.74 -18.45 -4.21
CA GLN B 168 16.23 -18.92 -5.51
C GLN B 168 15.57 -20.22 -5.94
N LYS B 169 15.05 -20.22 -7.16
CA LYS B 169 14.54 -21.43 -7.80
C LYS B 169 13.56 -22.18 -6.89
N ALA B 170 12.57 -21.44 -6.40
CA ALA B 170 11.71 -21.90 -5.31
C ALA B 170 10.28 -22.26 -5.72
N GLU B 171 9.87 -21.87 -6.92
CA GLU B 171 8.52 -22.21 -7.37
C GLU B 171 8.53 -22.77 -8.77
N ILE B 172 7.95 -23.96 -8.94
CA ILE B 172 7.88 -24.61 -10.24
C ILE B 172 6.57 -24.32 -10.96
N LEU B 173 6.67 -23.78 -12.16
CA LEU B 173 5.53 -23.63 -13.07
C LEU B 173 5.94 -24.15 -14.43
N ASN B 174 5.07 -24.96 -15.02
CA ASN B 174 5.29 -25.50 -16.36
C ASN B 174 6.71 -26.09 -16.53
N GLY B 175 7.13 -26.84 -15.52
CA GLY B 175 8.39 -27.59 -15.55
C GLY B 175 9.66 -26.80 -15.29
N VAL B 176 9.53 -25.54 -14.89
CA VAL B 176 10.68 -24.67 -14.66
C VAL B 176 10.64 -24.11 -13.23
N SER B 177 11.79 -24.12 -12.55
CA SER B 177 11.92 -23.50 -11.23
C SER B 177 12.23 -22.02 -11.38
N TYR B 178 11.43 -21.19 -10.71
CA TYR B 178 11.58 -19.74 -10.74
C TYR B 178 11.92 -19.18 -9.37
N ASP B 179 12.72 -18.13 -9.35
CA ASP B 179 12.97 -17.35 -8.14
C ASP B 179 11.68 -16.72 -7.63
N GLN B 180 11.54 -16.65 -6.31
CA GLN B 180 10.45 -15.90 -5.68
C GLN B 180 11.00 -14.75 -4.89
N ASN B 181 10.24 -13.66 -4.84
CA ASN B 181 10.40 -12.66 -3.82
C ASN B 181 9.61 -13.07 -2.58
N ILE B 182 10.21 -12.92 -1.40
CA ILE B 182 9.49 -13.13 -0.15
C ILE B 182 9.33 -11.79 0.56
N TYR B 183 8.08 -11.47 0.87
CA TYR B 183 7.70 -10.22 1.54
C TYR B 183 7.08 -10.53 2.89
N SER B 184 7.24 -9.61 3.84
CA SER B 184 6.56 -9.75 5.11
C SER B 184 5.94 -8.44 5.58
N LYS B 185 4.92 -8.60 6.41
CA LYS B 185 4.39 -7.50 7.20
C LYS B 185 4.24 -8.01 8.62
N VAL B 186 4.91 -7.35 9.54
CA VAL B 186 4.98 -7.78 10.93
C VAL B 186 4.26 -6.77 11.80
N ILE B 187 3.38 -7.28 12.65
CA ILE B 187 2.59 -6.47 13.57
C ILE B 187 3.28 -6.42 14.94
#